data_4NT4
#
_entry.id   4NT4
#
_cell.length_a   52.025
_cell.length_b   52.025
_cell.length_c   291.727
_cell.angle_alpha   90.00
_cell.angle_beta   90.00
_cell.angle_gamma   90.00
#
_symmetry.space_group_name_H-M   'P 43 21 2'
#
loop_
_entity.id
_entity.type
_entity.pdbx_description
1 polymer 'Gilgamesh, isoform I'
2 non-polymer 'SULFATE ION'
3 non-polymer GLYCEROL
4 water water
#
_entity_poly.entity_id   1
_entity_poly.type   'polypeptide(L)'
_entity_poly.pdbx_seq_one_letter_code
;AMDPMAVLMVGPNFRVGKKIGCGNFGELRLGKNLYNNEHVAIKMEPMKSKAPQLHLEYRFYKLLGSHADNAPDGIPRIYH
LGTCGGRYNAMVLELLGLSLEDLFNICARKFSLKTVLMIAKQLLHRIEYVHSRHLIYRDVKPENFLIGRTSTKREKIIHI
IDFGLAKEYIDLDTNRHIPYREHKSLTGTARYMSINTHMGREQSRRDDLEALGHMFMYFLRGSLPWQGLKADTLKERYQK
IGDTKRATPIEVLCDGHPEEFATYLRYVRRLDFFETPDYDFLRRLFQDLFDRKGYTDEGEFDWTGKTMSTPV
;
_entity_poly.pdbx_strand_id   A
#
# COMPACT_ATOMS: atom_id res chain seq x y z
N ALA A 6 -25.15 -4.59 22.09
CA ALA A 6 -26.13 -3.83 22.87
C ALA A 6 -25.46 -2.88 23.88
N VAL A 7 -24.86 -1.79 23.41
CA VAL A 7 -24.67 -1.47 21.99
C VAL A 7 -23.36 -0.67 21.81
N LEU A 8 -22.37 -1.30 21.20
CA LEU A 8 -21.06 -0.67 21.01
C LEU A 8 -21.18 0.62 20.21
N MET A 9 -20.65 1.71 20.76
CA MET A 9 -20.90 3.04 20.22
C MET A 9 -19.69 3.97 20.32
N VAL A 10 -19.20 4.45 19.18
CA VAL A 10 -18.17 5.48 19.16
C VAL A 10 -18.78 6.77 18.61
N GLY A 11 -18.79 7.81 19.44
CA GLY A 11 -19.42 9.07 19.12
C GLY A 11 -20.91 8.93 18.79
N PRO A 12 -21.79 9.54 19.61
CA PRO A 12 -23.23 9.43 19.43
C PRO A 12 -23.67 9.62 17.97
N ASN A 13 -23.42 8.57 17.17
CA ASN A 13 -23.54 8.63 15.72
C ASN A 13 -23.29 7.25 15.10
N PHE A 14 -22.08 6.74 15.29
CA PHE A 14 -21.67 5.47 14.69
C PHE A 14 -21.84 4.29 15.62
N ARG A 15 -22.62 3.31 15.19
CA ARG A 15 -22.83 2.08 15.95
C ARG A 15 -22.00 0.94 15.36
N VAL A 16 -21.20 0.30 16.20
CA VAL A 16 -20.31 -0.78 15.76
C VAL A 16 -21.12 -2.03 15.41
N GLY A 17 -20.58 -2.84 14.50
CA GLY A 17 -21.23 -4.08 14.09
C GLY A 17 -20.31 -5.27 14.21
N LYS A 18 -20.48 -6.25 13.31
CA LYS A 18 -19.70 -7.48 13.34
C LYS A 18 -18.21 -7.22 13.18
N LYS A 19 -17.39 -8.01 13.88
CA LYS A 19 -15.95 -7.95 13.71
C LYS A 19 -15.60 -8.46 12.31
N ILE A 20 -14.88 -7.64 11.55
CA ILE A 20 -14.61 -7.95 10.16
C ILE A 20 -13.10 -8.04 9.91
N GLY A 21 -12.32 -7.76 10.94
CA GLY A 21 -10.88 -7.89 10.88
C GLY A 21 -10.34 -8.68 12.07
N CYS A 22 -9.12 -9.19 11.92
CA CYS A 22 -8.50 -10.04 12.94
C CYS A 22 -8.49 -9.40 14.32
N PHE A 25 -5.01 -8.60 15.68
CA PHE A 25 -4.64 -8.12 17.02
C PHE A 25 -5.10 -6.68 17.22
N GLY A 26 -5.67 -6.10 16.16
CA GLY A 26 -6.14 -4.73 16.21
C GLY A 26 -7.64 -4.60 16.07
N GLU A 27 -8.25 -5.61 15.45
CA GLU A 27 -9.70 -5.68 15.22
C GLU A 27 -10.23 -4.60 14.27
N LEU A 28 -10.79 -5.05 13.15
CA LEU A 28 -11.51 -4.17 12.23
C LEU A 28 -12.99 -4.54 12.32
N ARG A 29 -13.85 -3.53 12.41
CA ARG A 29 -15.28 -3.78 12.61
C ARG A 29 -16.17 -2.95 11.70
N LEU A 30 -17.34 -3.50 11.38
CA LEU A 30 -18.33 -2.80 10.57
C LEU A 30 -19.08 -1.81 11.44
N GLY A 31 -19.55 -0.71 10.83
CA GLY A 31 -20.31 0.29 11.56
C GLY A 31 -21.45 0.83 10.74
N LYS A 32 -22.28 1.67 11.36
CA LYS A 32 -23.39 2.29 10.66
C LYS A 32 -23.65 3.72 11.16
N ASN A 33 -23.52 4.68 10.26
CA ASN A 33 -23.82 6.08 10.56
C ASN A 33 -25.32 6.25 10.75
N LEU A 34 -25.75 6.35 12.00
CA LEU A 34 -27.18 6.45 12.31
C LEU A 34 -27.81 7.75 11.80
N TYR A 35 -26.97 8.69 11.37
CA TYR A 35 -27.45 9.94 10.80
C TYR A 35 -27.71 9.83 9.30
N ASN A 36 -26.77 9.21 8.59
CA ASN A 36 -26.82 9.16 7.14
C ASN A 36 -27.09 7.76 6.58
N ASN A 37 -27.19 6.80 7.49
CA ASN A 37 -27.32 5.38 7.13
C ASN A 37 -26.16 4.88 6.28
N GLU A 38 -25.02 5.57 6.37
CA GLU A 38 -23.80 5.12 5.74
C GLU A 38 -23.29 3.85 6.42
N HIS A 39 -22.50 3.08 5.68
CA HIS A 39 -21.77 1.96 6.29
C HIS A 39 -20.30 2.34 6.38
N VAL A 40 -19.75 2.33 7.59
CA VAL A 40 -18.39 2.79 7.82
C VAL A 40 -17.46 1.69 8.30
N ALA A 41 -16.17 1.97 8.28
CA ALA A 41 -15.16 1.04 8.78
C ALA A 41 -14.55 1.58 10.07
N ILE A 42 -14.50 0.73 11.09
CA ILE A 42 -14.01 1.16 12.40
C ILE A 42 -12.79 0.35 12.84
N LYS A 43 -11.67 1.06 13.05
CA LYS A 43 -10.41 0.44 13.43
C LYS A 43 -10.08 0.75 14.88
N MET A 44 -10.07 -0.28 15.73
CA MET A 44 -9.96 -0.10 17.17
C MET A 44 -8.55 -0.39 17.68
N GLU A 45 -8.29 -0.01 18.93
CA GLU A 45 -6.98 -0.25 19.55
C GLU A 45 -7.13 -0.28 21.07
N PRO A 46 -6.60 -1.34 21.71
CA PRO A 46 -6.65 -1.43 23.17
C PRO A 46 -5.79 -0.36 23.81
N MET A 47 -6.40 0.45 24.68
CA MET A 47 -5.71 1.57 25.32
C MET A 47 -4.40 1.17 25.98
N LYS A 48 -4.37 -0.03 26.55
CA LYS A 48 -3.15 -0.57 27.11
C LYS A 48 -2.38 -1.33 26.03
N SER A 49 -1.79 -0.59 25.10
CA SER A 49 -1.03 -1.20 24.02
C SER A 49 0.43 -0.74 24.05
N LYS A 50 1.34 -1.71 24.22
CA LYS A 50 2.76 -1.42 24.18
C LYS A 50 3.18 -0.97 22.79
N ALA A 51 3.58 0.30 22.69
CA ALA A 51 3.91 0.94 21.41
C ALA A 51 2.74 0.87 20.43
N PRO A 52 1.72 1.73 20.65
CA PRO A 52 0.54 1.81 19.77
C PRO A 52 0.86 2.55 18.48
N GLN A 53 -0.14 2.75 17.62
CA GLN A 53 0.08 3.44 16.35
C GLN A 53 -1.20 3.92 15.67
N LEU A 54 -2.34 3.76 16.33
CA LEU A 54 -3.62 4.18 15.74
C LEU A 54 -3.70 5.70 15.62
N HIS A 55 -3.29 6.40 16.69
CA HIS A 55 -3.33 7.85 16.73
C HIS A 55 -2.44 8.48 15.65
N LEU A 56 -1.22 7.95 15.50
CA LEU A 56 -0.27 8.52 14.56
C LEU A 56 -0.59 8.13 13.12
N GLU A 57 -1.42 7.10 12.95
CA GLU A 57 -1.92 6.74 11.63
C GLU A 57 -2.96 7.77 11.19
N TYR A 58 -3.76 8.19 12.15
CA TYR A 58 -4.75 9.24 11.96
C TYR A 58 -4.06 10.56 11.61
N ARG A 59 -2.91 10.80 12.25
CA ARG A 59 -2.13 12.00 12.02
C ARG A 59 -1.63 12.07 10.58
N PHE A 60 -1.16 10.94 10.07
CA PHE A 60 -0.67 10.86 8.70
C PHE A 60 -1.82 11.04 7.71
N TYR A 61 -3.02 10.64 8.11
CA TYR A 61 -4.20 10.82 7.28
C TYR A 61 -4.59 12.29 7.15
N LYS A 62 -4.37 13.06 8.21
CA LYS A 62 -4.69 14.48 8.21
C LYS A 62 -3.78 15.25 7.26
N LEU A 63 -2.52 14.80 7.17
CA LEU A 63 -1.54 15.45 6.29
C LEU A 63 -1.89 15.25 4.83
N LEU A 64 -2.60 14.16 4.53
CA LEU A 64 -3.09 13.92 3.19
C LEU A 64 -4.40 14.67 2.98
N GLY A 65 -5.15 14.80 4.07
CA GLY A 65 -6.41 15.55 4.12
C GLY A 65 -7.30 15.47 2.89
N SER A 66 -8.21 14.50 2.76
CA SER A 66 -8.59 13.48 3.76
C SER A 66 -9.05 14.04 5.09
N HIS A 67 -10.20 14.70 5.07
CA HIS A 67 -10.86 15.18 6.28
C HIS A 67 -12.38 15.12 6.08
N ALA A 68 -12.95 13.95 6.34
CA ALA A 68 -14.39 13.70 6.26
C ALA A 68 -14.97 13.86 4.84
N ASP A 69 -15.07 15.10 4.37
CA ASP A 69 -15.72 15.35 3.08
C ASP A 69 -14.75 15.35 1.90
N ASN A 70 -13.59 15.98 2.08
CA ASN A 70 -12.62 16.15 1.01
C ASN A 70 -12.10 14.83 0.46
N ALA A 71 -10.95 14.40 0.97
CA ALA A 71 -10.28 13.17 0.56
C ALA A 71 -9.98 13.14 -0.93
N PRO A 72 -8.72 13.38 -1.30
CA PRO A 72 -8.30 13.23 -2.70
C PRO A 72 -8.58 11.81 -3.19
N ASP A 73 -8.76 11.65 -4.50
CA ASP A 73 -9.11 10.35 -5.07
C ASP A 73 -8.06 9.30 -4.76
N GLY A 74 -8.53 8.14 -4.31
CA GLY A 74 -7.63 7.06 -3.94
C GLY A 74 -7.32 7.06 -2.46
N ILE A 75 -7.82 8.08 -1.75
CA ILE A 75 -7.63 8.19 -0.31
C ILE A 75 -8.96 8.03 0.42
N PRO A 76 -9.00 7.13 1.41
CA PRO A 76 -10.24 6.92 2.16
C PRO A 76 -10.56 8.08 3.09
N ARG A 77 -11.81 8.54 3.07
CA ARG A 77 -12.26 9.61 3.96
C ARG A 77 -12.12 9.20 5.42
N ILE A 78 -11.77 10.16 6.27
CA ILE A 78 -11.69 9.89 7.70
C ILE A 78 -12.79 10.64 8.43
N TYR A 79 -13.66 9.89 9.10
CA TYR A 79 -14.89 10.45 9.65
C TYR A 79 -14.79 10.91 11.10
N HIS A 80 -14.11 10.13 11.94
CA HIS A 80 -14.06 10.44 13.37
C HIS A 80 -12.92 9.73 14.12
N LEU A 81 -12.39 10.39 15.13
CA LEU A 81 -11.39 9.79 16.02
C LEU A 81 -11.86 9.88 17.48
N GLY A 82 -12.35 8.78 18.00
CA GLY A 82 -12.89 8.77 19.36
C GLY A 82 -12.44 7.57 20.18
N THR A 83 -13.31 7.15 21.10
CA THR A 83 -13.00 6.04 21.99
C THR A 83 -14.22 5.17 22.30
N CYS A 84 -13.99 3.86 22.42
CA CYS A 84 -15.08 2.91 22.67
C CYS A 84 -15.02 2.38 24.10
N GLY A 85 -16.20 2.26 24.72
CA GLY A 85 -16.30 1.71 26.07
C GLY A 85 -15.54 2.49 27.12
N GLY A 86 -14.69 1.79 27.87
CA GLY A 86 -14.53 0.35 27.72
C GLY A 86 -13.15 -0.06 27.23
N ARG A 87 -12.17 0.80 27.48
CA ARG A 87 -10.78 0.55 27.09
C ARG A 87 -10.63 0.23 25.60
N TYR A 88 -10.85 1.24 24.76
CA TYR A 88 -10.79 1.07 23.31
C TYR A 88 -10.70 2.42 22.60
N ASN A 89 -9.60 2.66 21.88
CA ASN A 89 -9.47 3.82 21.02
C ASN A 89 -9.85 3.46 19.59
N ALA A 90 -10.61 4.32 18.93
CA ALA A 90 -11.17 3.95 17.62
C ALA A 90 -11.04 5.05 16.55
N MET A 91 -10.75 4.61 15.34
CA MET A 91 -10.73 5.50 14.17
C MET A 91 -11.76 5.05 13.14
N VAL A 92 -12.76 5.91 12.90
CA VAL A 92 -13.80 5.60 11.91
C VAL A 92 -13.42 6.16 10.54
N LEU A 93 -13.32 5.28 9.55
CA LEU A 93 -12.98 5.71 8.20
C LEU A 93 -13.91 5.09 7.15
N GLU A 94 -13.56 5.30 5.88
CA GLU A 94 -14.43 4.88 4.77
C GLU A 94 -14.35 3.39 4.52
N LEU A 95 -15.49 2.81 4.12
CA LEU A 95 -15.57 1.38 3.81
C LEU A 95 -15.19 1.15 2.34
N LEU A 96 -14.28 0.21 2.11
CA LEU A 96 -13.84 -0.11 0.76
C LEU A 96 -14.14 -1.56 0.40
N GLY A 97 -13.87 -1.92 -0.86
CA GLY A 97 -14.11 -3.27 -1.34
C GLY A 97 -12.93 -4.19 -1.12
N LEU A 98 -12.74 -5.13 -2.04
CA LEU A 98 -11.69 -6.13 -1.90
C LEU A 98 -10.31 -5.57 -2.21
N SER A 99 -9.27 -6.27 -1.75
CA SER A 99 -7.89 -5.86 -2.00
C SER A 99 -7.35 -6.51 -3.27
N LEU A 100 -6.17 -6.10 -3.68
CA LEU A 100 -5.55 -6.67 -4.87
C LEU A 100 -5.12 -8.12 -4.64
N GLU A 101 -4.95 -8.49 -3.38
CA GLU A 101 -4.62 -9.88 -3.03
C GLU A 101 -5.87 -10.73 -3.05
N ASP A 102 -6.99 -10.14 -2.67
CA ASP A 102 -8.28 -10.81 -2.77
C ASP A 102 -8.63 -11.02 -4.24
N LEU A 103 -8.48 -9.96 -5.03
CA LEU A 103 -8.75 -10.02 -6.46
C LEU A 103 -7.74 -10.90 -7.18
N PHE A 104 -6.54 -11.01 -6.62
CA PHE A 104 -5.49 -11.89 -7.15
C PHE A 104 -5.98 -13.32 -7.13
N ASN A 105 -6.33 -13.79 -5.93
CA ASN A 105 -6.82 -15.15 -5.73
C ASN A 105 -8.11 -15.41 -6.50
N ILE A 106 -8.91 -14.37 -6.71
CA ILE A 106 -10.10 -14.46 -7.54
C ILE A 106 -9.71 -14.77 -8.98
N CYS A 107 -8.67 -14.10 -9.47
CA CYS A 107 -8.20 -14.28 -10.84
C CYS A 107 -7.13 -15.38 -10.94
N ALA A 108 -7.25 -16.40 -10.10
CA ALA A 108 -6.37 -17.57 -10.12
C ALA A 108 -4.88 -17.21 -9.99
N ARG A 109 -4.60 -16.15 -9.23
CA ARG A 109 -3.22 -15.74 -8.94
C ARG A 109 -2.39 -15.47 -10.18
N LYS A 110 -2.96 -14.75 -11.13
CA LYS A 110 -2.24 -14.34 -12.34
C LYS A 110 -2.99 -13.21 -13.06
N PHE A 111 -2.43 -12.01 -12.97
CA PHE A 111 -2.99 -10.86 -13.66
C PHE A 111 -2.43 -10.74 -15.07
N SER A 112 -3.26 -10.28 -16.00
CA SER A 112 -2.81 -10.02 -17.36
C SER A 112 -1.94 -8.77 -17.38
N LEU A 113 -1.21 -8.59 -18.49
CA LEU A 113 -0.38 -7.41 -18.65
C LEU A 113 -1.25 -6.15 -18.58
N LYS A 114 -2.37 -6.18 -19.28
CA LYS A 114 -3.29 -5.05 -19.35
C LYS A 114 -3.73 -4.57 -17.97
N THR A 115 -3.99 -5.51 -17.08
CA THR A 115 -4.43 -5.17 -15.73
C THR A 115 -3.28 -4.59 -14.92
N VAL A 116 -2.14 -5.28 -14.93
CA VAL A 116 -0.94 -4.82 -14.22
C VAL A 116 -0.59 -3.39 -14.63
N LEU A 117 -0.66 -3.12 -15.93
CA LEU A 117 -0.38 -1.79 -16.46
C LEU A 117 -1.40 -0.77 -15.93
N MET A 118 -2.67 -1.17 -15.86
CA MET A 118 -3.71 -0.31 -15.32
C MET A 118 -3.48 -0.09 -13.83
N ILE A 119 -3.09 -1.15 -13.13
CA ILE A 119 -2.74 -1.06 -11.73
C ILE A 119 -1.56 -0.12 -11.52
N ALA A 120 -0.48 -0.36 -12.26
CA ALA A 120 0.74 0.42 -12.15
C ALA A 120 0.49 1.91 -12.38
N LYS A 121 -0.36 2.23 -13.36
CA LYS A 121 -0.71 3.60 -13.67
C LYS A 121 -1.30 4.31 -12.46
N GLN A 122 -2.26 3.67 -11.82
CA GLN A 122 -2.93 4.26 -10.66
C GLN A 122 -1.98 4.40 -9.47
N LEU A 123 -1.20 3.36 -9.20
CA LEU A 123 -0.34 3.33 -8.02
C LEU A 123 0.80 4.34 -8.11
N LEU A 124 1.38 4.49 -9.30
CA LEU A 124 2.44 5.47 -9.50
C LEU A 124 1.91 6.88 -9.28
N HIS A 125 0.64 7.08 -9.62
CA HIS A 125 -0.03 8.33 -9.29
C HIS A 125 -0.27 8.42 -7.79
N ARG A 126 -0.91 7.38 -7.25
CA ARG A 126 -1.22 7.31 -5.83
C ARG A 126 0.02 7.55 -4.96
N ILE A 127 1.08 6.80 -5.24
CA ILE A 127 2.30 6.88 -4.44
C ILE A 127 3.02 8.21 -4.65
N GLU A 128 2.76 8.88 -5.78
CA GLU A 128 3.36 10.18 -6.03
C GLU A 128 2.75 11.24 -5.12
N TYR A 129 1.44 11.14 -4.91
CA TYR A 129 0.74 12.08 -4.04
C TYR A 129 1.22 11.96 -2.61
N VAL A 130 1.42 10.72 -2.16
CA VAL A 130 1.91 10.46 -0.80
C VAL A 130 3.25 11.14 -0.57
N HIS A 131 4.14 11.02 -1.56
CA HIS A 131 5.46 11.63 -1.46
C HIS A 131 5.37 13.16 -1.52
N SER A 132 4.38 13.67 -2.24
CA SER A 132 4.19 15.11 -2.38
C SER A 132 3.73 15.72 -1.07
N ARG A 133 3.14 14.89 -0.22
CA ARG A 133 2.72 15.30 1.12
C ARG A 133 3.79 14.99 2.14
N HIS A 134 5.02 14.84 1.65
CA HIS A 134 6.22 14.65 2.48
C HIS A 134 6.21 13.37 3.30
N LEU A 135 5.69 12.29 2.73
CA LEU A 135 5.65 11.01 3.42
C LEU A 135 6.28 9.88 2.62
N ILE A 136 6.85 8.91 3.32
CA ILE A 136 7.28 7.66 2.70
C ILE A 136 6.42 6.54 3.29
N TYR A 137 5.91 5.67 2.42
CA TYR A 137 4.90 4.69 2.80
C TYR A 137 5.45 3.54 3.64
N ARG A 138 6.44 2.83 3.10
CA ARG A 138 7.19 1.80 3.80
C ARG A 138 6.43 0.50 4.10
N ASP A 139 5.21 0.35 3.59
CA ASP A 139 4.47 -0.89 3.81
C ASP A 139 3.76 -1.36 2.55
N VAL A 140 4.53 -1.65 1.51
CA VAL A 140 3.95 -2.08 0.24
C VAL A 140 3.67 -3.58 0.21
N LYS A 141 2.39 -3.91 0.04
CA LYS A 141 1.94 -5.28 -0.16
C LYS A 141 0.56 -5.22 -0.81
N PRO A 142 0.18 -6.25 -1.59
CA PRO A 142 -1.10 -6.26 -2.29
C PRO A 142 -2.30 -6.14 -1.36
N GLU A 143 -2.13 -6.53 -0.10
CA GLU A 143 -3.21 -6.50 0.88
C GLU A 143 -3.65 -5.08 1.24
N ASN A 144 -2.82 -4.08 0.91
CA ASN A 144 -3.10 -2.71 1.30
C ASN A 144 -3.61 -1.83 0.16
N PHE A 145 -4.03 -2.45 -0.93
CA PHE A 145 -4.61 -1.70 -2.05
C PHE A 145 -6.00 -2.24 -2.37
N LEU A 146 -7.02 -1.42 -2.10
CA LEU A 146 -8.41 -1.86 -2.17
C LEU A 146 -9.21 -1.12 -3.22
N ILE A 147 -10.04 -1.85 -3.95
CA ILE A 147 -10.98 -1.24 -4.89
C ILE A 147 -12.16 -0.67 -4.13
N GLY A 148 -12.79 0.35 -4.70
CA GLY A 148 -13.96 0.96 -4.07
C GLY A 148 -15.17 0.05 -4.13
N ARG A 149 -16.14 0.30 -3.26
CA ARG A 149 -17.38 -0.49 -3.24
C ARG A 149 -18.17 -0.25 -4.52
N THR A 150 -18.81 -1.31 -5.02
CA THR A 150 -19.57 -1.23 -6.26
C THR A 150 -20.76 -0.29 -6.13
N SER A 151 -21.30 -0.19 -4.92
CA SER A 151 -22.42 0.69 -4.62
C SER A 151 -22.10 2.13 -5.01
N THR A 152 -21.08 2.70 -4.39
CA THR A 152 -20.57 4.01 -4.78
C THR A 152 -19.63 3.83 -5.97
N LYS A 153 -20.11 4.16 -7.17
CA LYS A 153 -19.40 3.92 -8.42
C LYS A 153 -17.92 4.30 -8.37
N ARG A 154 -17.15 3.46 -7.68
CA ARG A 154 -15.72 3.66 -7.54
C ARG A 154 -15.02 2.31 -7.58
N GLU A 155 -15.68 1.34 -8.19
CA GLU A 155 -15.16 -0.01 -8.31
C GLU A 155 -13.93 -0.07 -9.21
N LYS A 156 -13.70 0.99 -9.96
CA LYS A 156 -12.55 1.06 -10.87
C LYS A 156 -11.43 1.92 -10.29
N ILE A 157 -11.45 2.13 -8.98
CA ILE A 157 -10.42 2.95 -8.32
C ILE A 157 -9.63 2.15 -7.29
N ILE A 158 -8.31 2.16 -7.43
CA ILE A 158 -7.43 1.51 -6.47
C ILE A 158 -7.06 2.48 -5.36
N HIS A 159 -7.38 2.10 -4.12
CA HIS A 159 -7.10 2.95 -2.97
C HIS A 159 -5.85 2.49 -2.22
N ILE A 160 -5.31 3.36 -1.39
CA ILE A 160 -4.15 3.02 -0.57
C ILE A 160 -4.47 3.27 0.91
N ILE A 161 -4.16 2.28 1.75
CA ILE A 161 -4.49 2.33 3.18
C ILE A 161 -3.30 1.96 4.06
N ASP A 162 -3.56 1.81 5.36
CA ASP A 162 -2.58 1.34 6.34
C ASP A 162 -1.33 2.21 6.39
N PHE A 163 -1.44 3.33 7.11
CA PHE A 163 -0.36 4.32 7.14
C PHE A 163 0.38 4.36 8.48
N GLY A 164 0.19 3.34 9.30
CA GLY A 164 0.79 3.31 10.62
C GLY A 164 2.31 3.18 10.62
N LEU A 165 2.86 2.71 9.51
CA LEU A 165 4.30 2.48 9.42
C LEU A 165 5.01 3.52 8.56
N ALA A 166 4.37 4.66 8.35
CA ALA A 166 4.94 5.70 7.50
C ALA A 166 5.88 6.62 8.28
N LYS A 167 6.71 7.36 7.55
CA LYS A 167 7.62 8.31 8.15
C LYS A 167 7.69 9.58 7.30
N GLU A 168 7.86 10.72 7.96
CA GLU A 168 8.08 11.97 7.25
C GLU A 168 9.55 12.02 6.82
N TYR A 169 9.79 12.21 5.53
CA TYR A 169 11.17 12.28 5.04
C TYR A 169 11.64 13.72 4.94
N ILE A 170 10.77 14.66 5.28
CA ILE A 170 11.16 16.05 5.39
C ILE A 170 11.17 16.46 6.85
N ASP A 171 12.35 16.80 7.37
CA ASP A 171 12.55 17.12 8.77
C ASP A 171 11.79 18.39 9.16
N LEU A 172 11.29 18.43 10.40
CA LEU A 172 10.58 19.59 10.91
C LEU A 172 11.54 20.75 11.15
N ASP A 173 12.65 20.47 11.83
CA ASP A 173 13.74 21.42 11.93
C ASP A 173 14.61 21.29 10.67
N THR A 174 15.42 22.31 10.39
CA THR A 174 16.27 22.36 9.19
C THR A 174 15.48 22.40 7.88
N ASN A 175 14.29 21.78 7.88
CA ASN A 175 13.39 21.74 6.73
C ASN A 175 13.99 21.05 5.52
N ARG A 176 14.88 20.08 5.75
CA ARG A 176 15.53 19.34 4.68
C ARG A 176 15.18 17.86 4.69
N HIS A 177 15.76 17.11 3.76
CA HIS A 177 15.62 15.67 3.70
C HIS A 177 16.25 15.03 4.93
N ILE A 178 15.64 13.96 5.44
CA ILE A 178 16.17 13.27 6.60
C ILE A 178 17.55 12.70 6.30
N PRO A 179 18.47 12.78 7.27
CA PRO A 179 19.85 12.32 7.07
C PRO A 179 19.90 10.82 6.84
N TYR A 180 20.93 10.36 6.13
CA TYR A 180 21.08 8.94 5.85
C TYR A 180 21.71 8.20 7.02
N ARG A 181 20.90 7.41 7.70
CA ARG A 181 21.39 6.58 8.80
C ARG A 181 21.19 5.11 8.45
N GLU A 182 21.96 4.24 9.10
CA GLU A 182 21.85 2.82 8.88
C GLU A 182 21.57 2.06 10.16
N HIS A 183 21.70 0.74 10.10
CA HIS A 183 21.47 -0.15 11.23
C HIS A 183 20.06 0.03 11.80
N LYS A 184 19.15 0.52 10.97
CA LYS A 184 17.74 0.61 11.34
C LYS A 184 17.18 -0.80 11.46
N SER A 185 15.97 -0.93 12.01
CA SER A 185 15.38 -2.23 12.31
C SER A 185 15.17 -3.11 11.07
N LEU A 186 13.91 -3.25 10.66
CA LEU A 186 13.48 -4.03 9.51
C LEU A 186 11.96 -4.05 9.53
N THR A 187 11.33 -3.22 8.70
CA THR A 187 9.90 -2.95 8.87
C THR A 187 8.97 -3.92 8.14
N GLY A 188 8.58 -3.55 6.92
CA GLY A 188 7.44 -4.15 6.23
C GLY A 188 7.42 -5.63 5.91
N THR A 189 6.97 -5.94 4.70
CA THR A 189 6.83 -7.32 4.27
C THR A 189 8.03 -7.75 3.43
N ALA A 190 8.68 -8.83 3.85
CA ALA A 190 9.93 -9.28 3.25
C ALA A 190 9.78 -9.73 1.81
N ARG A 191 8.56 -10.12 1.45
CA ARG A 191 8.26 -10.58 0.11
C ARG A 191 8.52 -9.48 -0.93
N TYR A 192 8.24 -8.24 -0.58
CA TYR A 192 8.30 -7.14 -1.55
C TYR A 192 9.32 -6.05 -1.23
N MET A 193 9.78 -6.00 0.02
CA MET A 193 10.67 -4.93 0.48
C MET A 193 11.93 -4.81 -0.39
N SER A 194 12.47 -3.60 -0.44
CA SER A 194 13.61 -3.30 -1.29
C SER A 194 14.90 -3.97 -0.81
N ILE A 195 15.90 -4.03 -1.68
CA ILE A 195 17.20 -4.60 -1.34
C ILE A 195 17.86 -3.83 -0.20
N ASN A 196 17.80 -2.51 -0.29
CA ASN A 196 18.41 -1.64 0.72
C ASN A 196 17.80 -1.86 2.11
N THR A 197 16.49 -2.09 2.14
CA THR A 197 15.77 -2.31 3.39
C THR A 197 16.33 -3.53 4.14
N HIS A 198 16.66 -4.57 3.39
CA HIS A 198 17.25 -5.78 3.97
C HIS A 198 18.58 -5.48 4.63
N MET A 199 19.33 -4.57 4.04
CA MET A 199 20.65 -4.20 4.56
C MET A 199 20.54 -3.29 5.79
N GLY A 200 19.31 -2.98 6.19
CA GLY A 200 19.07 -2.16 7.37
C GLY A 200 19.31 -0.69 7.10
N ARG A 201 19.18 -0.29 5.85
CA ARG A 201 19.32 1.11 5.46
C ARG A 201 18.01 1.85 5.61
N GLU A 202 18.08 3.15 5.93
CA GLU A 202 16.89 3.97 6.06
C GLU A 202 16.17 4.07 4.72
N GLN A 203 14.85 3.95 4.73
CA GLN A 203 14.07 3.92 3.51
C GLN A 203 13.76 5.32 2.98
N SER A 204 13.87 5.48 1.66
CA SER A 204 13.52 6.74 1.01
C SER A 204 12.37 6.53 0.04
N ARG A 205 12.17 7.50 -0.85
CA ARG A 205 11.13 7.41 -1.87
C ARG A 205 11.48 6.32 -2.89
N ARG A 206 12.77 6.08 -3.08
CA ARG A 206 13.25 5.06 -4.00
C ARG A 206 12.82 3.65 -3.58
N ASP A 207 12.70 3.44 -2.27
CA ASP A 207 12.46 2.11 -1.74
C ASP A 207 11.00 1.70 -1.81
N ASP A 208 10.10 2.68 -1.90
CA ASP A 208 8.69 2.41 -2.13
C ASP A 208 8.50 1.89 -3.56
N LEU A 209 9.17 2.54 -4.50
CA LEU A 209 9.04 2.21 -5.92
C LEU A 209 9.58 0.83 -6.24
N GLU A 210 10.67 0.45 -5.58
CA GLU A 210 11.27 -0.86 -5.80
C GLU A 210 10.32 -1.96 -5.33
N ALA A 211 9.65 -1.72 -4.21
CA ALA A 211 8.68 -2.67 -3.68
C ALA A 211 7.46 -2.76 -4.61
N LEU A 212 7.04 -1.62 -5.14
CA LEU A 212 5.98 -1.59 -6.15
C LEU A 212 6.37 -2.45 -7.36
N GLY A 213 7.60 -2.27 -7.81
CA GLY A 213 8.12 -3.05 -8.92
C GLY A 213 8.17 -4.53 -8.60
N HIS A 214 8.58 -4.86 -7.38
CA HIS A 214 8.56 -6.24 -6.91
C HIS A 214 7.16 -6.80 -6.97
N MET A 215 6.18 -5.96 -6.64
CA MET A 215 4.79 -6.38 -6.60
C MET A 215 4.22 -6.58 -8.00
N PHE A 216 4.51 -5.65 -8.91
CA PHE A 216 4.10 -5.76 -10.30
C PHE A 216 4.60 -7.08 -10.87
N MET A 217 5.82 -7.45 -10.48
CA MET A 217 6.40 -8.71 -10.94
C MET A 217 5.58 -9.88 -10.40
N TYR A 218 5.28 -9.82 -9.10
CA TYR A 218 4.45 -10.82 -8.44
C TYR A 218 3.13 -11.04 -9.17
N PHE A 219 2.56 -9.96 -9.70
CA PHE A 219 1.31 -10.02 -10.45
C PHE A 219 1.49 -10.77 -11.78
N LEU A 220 2.51 -10.39 -12.54
CA LEU A 220 2.74 -10.98 -13.86
C LEU A 220 3.21 -12.43 -13.78
N ARG A 221 4.17 -12.70 -12.89
CA ARG A 221 4.77 -14.01 -12.79
C ARG A 221 3.83 -15.06 -12.20
N GLY A 222 3.54 -14.91 -10.91
CA GLY A 222 2.73 -15.86 -10.18
C GLY A 222 3.20 -15.83 -8.74
N SER A 223 4.52 -15.76 -8.58
CA SER A 223 5.16 -15.50 -7.30
C SER A 223 6.58 -15.01 -7.59
N LEU A 224 7.35 -14.75 -6.54
CA LEU A 224 8.74 -14.34 -6.72
C LEU A 224 9.68 -15.48 -6.32
N PRO A 225 10.80 -15.63 -7.05
CA PRO A 225 11.79 -16.69 -6.85
C PRO A 225 12.21 -16.89 -5.39
N TRP A 226 12.12 -15.83 -4.59
CA TRP A 226 12.40 -15.92 -3.17
C TRP A 226 11.11 -16.27 -2.42
N GLN A 227 10.38 -17.23 -2.95
CA GLN A 227 9.10 -17.66 -2.38
C GLN A 227 9.27 -18.43 -1.08
N GLY A 228 9.02 -19.74 -1.14
CA GLY A 228 9.06 -20.59 0.03
C GLY A 228 10.45 -20.82 0.62
N LEU A 229 11.25 -19.76 0.68
CA LEU A 229 12.52 -19.82 1.37
C LEU A 229 12.26 -19.78 2.87
N LYS A 230 11.88 -20.94 3.42
CA LYS A 230 11.52 -21.03 4.83
C LYS A 230 12.58 -21.78 5.63
N ALA A 231 13.05 -21.14 6.71
CA ALA A 231 14.09 -21.74 7.54
C ALA A 231 14.26 -21.01 8.88
N ASP A 232 14.57 -21.78 9.91
CA ASP A 232 15.02 -21.28 11.21
C ASP A 232 14.31 -20.05 11.76
N THR A 233 15.10 -19.10 12.24
CA THR A 233 14.59 -17.91 12.91
C THR A 233 14.08 -16.84 11.95
N LEU A 234 13.41 -15.83 12.51
CA LEU A 234 12.87 -14.74 11.73
C LEU A 234 14.00 -13.87 11.17
N LYS A 235 15.06 -13.70 11.96
CA LYS A 235 16.22 -12.95 11.51
C LYS A 235 16.94 -13.69 10.38
N GLU A 236 16.82 -15.02 10.41
CA GLU A 236 17.40 -15.87 9.37
C GLU A 236 16.47 -15.93 8.15
N ARG A 237 15.18 -15.79 8.40
CA ARG A 237 14.18 -15.80 7.33
C ARG A 237 14.32 -14.57 6.44
N TYR A 238 14.49 -13.41 7.05
CA TYR A 238 14.68 -12.17 6.31
C TYR A 238 15.99 -12.17 5.52
N GLN A 239 17.01 -12.81 6.09
CA GLN A 239 18.33 -12.84 5.47
C GLN A 239 18.33 -13.62 4.16
N LYS A 240 17.78 -14.83 4.20
CA LYS A 240 17.75 -15.71 3.03
C LYS A 240 16.92 -15.13 1.90
N ILE A 241 15.94 -14.30 2.25
CA ILE A 241 15.12 -13.62 1.25
C ILE A 241 15.90 -12.45 0.64
N GLY A 242 16.54 -11.67 1.50
CA GLY A 242 17.31 -10.53 1.06
C GLY A 242 18.56 -10.91 0.30
N ASP A 243 19.19 -12.01 0.70
CA ASP A 243 20.41 -12.48 0.05
C ASP A 243 20.09 -13.11 -1.30
N THR A 244 18.81 -13.39 -1.54
CA THR A 244 18.37 -13.98 -2.80
C THR A 244 17.97 -12.90 -3.78
N LYS A 245 17.56 -11.74 -3.26
CA LYS A 245 17.16 -10.61 -4.10
C LYS A 245 18.36 -9.95 -4.77
N ARG A 246 19.52 -10.00 -4.10
CA ARG A 246 20.73 -9.38 -4.63
C ARG A 246 21.43 -10.32 -5.61
N ALA A 247 20.99 -11.57 -5.66
CA ALA A 247 21.56 -12.56 -6.56
C ALA A 247 20.58 -12.95 -7.66
N THR A 248 19.80 -11.98 -8.11
CA THR A 248 18.81 -12.22 -9.16
C THR A 248 18.81 -11.09 -10.19
N PRO A 249 19.34 -11.37 -11.40
CA PRO A 249 19.36 -10.41 -12.50
C PRO A 249 17.94 -9.98 -12.89
N ILE A 250 17.80 -8.70 -13.22
CA ILE A 250 16.51 -8.16 -13.62
C ILE A 250 16.13 -8.65 -15.02
N GLU A 251 17.15 -8.98 -15.80
CA GLU A 251 16.93 -9.55 -17.14
C GLU A 251 16.37 -10.96 -17.03
N VAL A 252 16.49 -11.55 -15.85
CA VAL A 252 15.98 -12.90 -15.60
C VAL A 252 14.66 -12.86 -14.85
N LEU A 253 14.55 -11.94 -13.89
CA LEU A 253 13.32 -11.77 -13.12
C LEU A 253 12.14 -11.42 -14.03
N CYS A 254 12.43 -10.65 -15.07
CA CYS A 254 11.41 -10.24 -16.04
C CYS A 254 11.55 -11.02 -17.34
N ASP A 255 11.79 -12.33 -17.22
CA ASP A 255 12.14 -13.16 -18.36
C ASP A 255 10.99 -13.35 -19.35
N GLY A 256 9.76 -13.15 -18.88
CA GLY A 256 8.57 -13.25 -19.71
C GLY A 256 8.70 -12.54 -21.05
N HIS A 257 8.58 -11.20 -21.18
CA HIS A 257 8.03 -10.14 -20.29
C HIS A 257 8.72 -8.87 -20.77
N PRO A 258 7.93 -7.83 -21.11
CA PRO A 258 8.45 -6.58 -21.68
C PRO A 258 9.64 -6.00 -20.92
N GLU A 259 10.60 -5.45 -21.65
CA GLU A 259 11.79 -4.85 -21.06
C GLU A 259 11.45 -3.65 -20.19
N GLU A 260 10.25 -3.11 -20.38
CA GLU A 260 9.76 -1.97 -19.60
C GLU A 260 9.82 -2.24 -18.10
N PHE A 261 9.66 -3.50 -17.72
CA PHE A 261 9.74 -3.88 -16.32
C PHE A 261 11.18 -4.07 -15.88
N ALA A 262 12.07 -4.27 -16.84
CA ALA A 262 13.48 -4.41 -16.54
C ALA A 262 14.14 -3.06 -16.32
N THR A 263 13.82 -2.09 -17.18
CA THR A 263 14.38 -0.76 -17.09
C THR A 263 13.82 0.00 -15.88
N TYR A 264 12.58 -0.29 -15.52
CA TYR A 264 11.95 0.31 -14.35
C TYR A 264 12.70 -0.10 -13.10
N LEU A 265 12.95 -1.40 -12.96
CA LEU A 265 13.61 -1.95 -11.79
C LEU A 265 15.04 -1.44 -11.65
N ARG A 266 15.74 -1.29 -12.77
CA ARG A 266 17.10 -0.76 -12.75
C ARG A 266 17.09 0.70 -12.29
N TYR A 267 16.11 1.46 -12.76
CA TYR A 267 15.98 2.87 -12.43
C TYR A 267 15.78 3.09 -10.93
N VAL A 268 14.84 2.36 -10.35
CA VAL A 268 14.47 2.58 -8.95
C VAL A 268 15.50 1.99 -7.98
N ARG A 269 16.32 1.07 -8.49
CA ARG A 269 17.38 0.47 -7.66
C ARG A 269 18.64 1.32 -7.67
N ARG A 270 18.95 1.90 -8.83
CA ARG A 270 20.16 2.69 -8.99
C ARG A 270 19.98 4.14 -8.54
N LEU A 271 18.77 4.47 -8.09
CA LEU A 271 18.48 5.80 -7.55
C LEU A 271 19.27 6.07 -6.28
N ASP A 272 19.41 7.34 -5.93
CA ASP A 272 20.08 7.72 -4.69
C ASP A 272 19.05 7.92 -3.58
N PHE A 273 19.51 7.88 -2.34
CA PHE A 273 18.65 8.05 -1.16
C PHE A 273 17.95 9.41 -1.17
N PHE A 274 18.67 10.45 -1.56
CA PHE A 274 18.11 11.79 -1.60
C PHE A 274 17.44 12.15 -2.92
N GLU A 275 17.68 11.34 -3.95
CA GLU A 275 17.29 11.70 -5.32
C GLU A 275 15.78 11.67 -5.56
N THR A 276 15.31 12.62 -6.37
CA THR A 276 13.89 12.74 -6.70
C THR A 276 13.54 11.97 -7.97
N PRO A 277 12.62 11.01 -7.86
CA PRO A 277 12.19 10.12 -8.95
C PRO A 277 11.42 10.85 -10.06
N ASP A 278 11.63 10.41 -11.30
CA ASP A 278 10.86 10.91 -12.43
C ASP A 278 9.61 10.06 -12.60
N TYR A 279 8.53 10.45 -11.93
CA TYR A 279 7.28 9.70 -11.97
C TYR A 279 6.66 9.74 -13.37
N ASP A 280 6.78 10.89 -14.04
CA ASP A 280 6.31 11.03 -15.41
C ASP A 280 6.92 9.98 -16.31
N PHE A 281 8.25 9.89 -16.25
CA PHE A 281 9.00 8.95 -17.08
C PHE A 281 8.61 7.50 -16.81
N LEU A 282 8.44 7.15 -15.54
CA LEU A 282 8.06 5.79 -15.18
C LEU A 282 6.66 5.47 -15.70
N ARG A 283 5.76 6.45 -15.63
CA ARG A 283 4.41 6.29 -16.15
C ARG A 283 4.38 6.38 -17.67
N ARG A 284 5.40 7.01 -18.24
CA ARG A 284 5.48 7.16 -19.69
C ARG A 284 5.90 5.86 -20.34
N LEU A 285 6.63 5.03 -19.58
CA LEU A 285 7.09 3.74 -20.09
C LEU A 285 5.95 2.74 -20.19
N PHE A 286 5.07 2.75 -19.20
CA PHE A 286 3.96 1.80 -19.16
C PHE A 286 2.81 2.22 -20.06
N GLN A 287 2.55 3.53 -20.12
CA GLN A 287 1.50 4.07 -20.98
C GLN A 287 1.83 3.83 -22.46
N ASP A 288 3.12 3.95 -22.80
CA ASP A 288 3.57 3.70 -24.16
C ASP A 288 3.37 2.24 -24.55
N LEU A 289 3.82 1.34 -23.68
CA LEU A 289 3.64 -0.09 -23.89
C LEU A 289 2.15 -0.44 -23.94
N PHE A 290 1.37 0.25 -23.12
CA PHE A 290 -0.08 0.09 -23.07
C PHE A 290 -0.70 0.32 -24.44
N ASP A 291 -0.39 1.47 -25.04
CA ASP A 291 -0.97 1.84 -26.33
C ASP A 291 -0.30 1.15 -27.50
N ARG A 292 0.92 0.66 -27.28
CA ARG A 292 1.64 -0.07 -28.32
C ARG A 292 1.05 -1.48 -28.45
N LYS A 293 0.28 -1.88 -27.44
CA LYS A 293 -0.47 -3.14 -27.49
C LYS A 293 -1.90 -2.88 -27.97
N GLY A 294 -2.28 -1.61 -27.98
CA GLY A 294 -3.60 -1.21 -28.44
C GLY A 294 -4.70 -1.45 -27.42
N TYR A 295 -4.40 -1.25 -26.15
CA TYR A 295 -5.37 -1.47 -25.08
C TYR A 295 -6.30 -0.28 -24.90
N THR A 296 -7.42 -0.51 -24.20
CA THR A 296 -8.37 0.55 -23.92
C THR A 296 -8.63 0.67 -22.42
N ASP A 297 -8.81 1.90 -21.95
CA ASP A 297 -9.01 2.15 -20.53
C ASP A 297 -10.46 2.51 -20.23
N GLU A 298 -11.29 1.49 -20.06
CA GLU A 298 -12.70 1.68 -19.74
C GLU A 298 -12.98 1.31 -18.28
N GLY A 299 -11.95 0.78 -17.61
CA GLY A 299 -12.10 0.29 -16.25
C GLY A 299 -12.31 -1.21 -16.24
N GLU A 300 -12.01 -1.84 -17.37
CA GLU A 300 -12.17 -3.29 -17.52
C GLU A 300 -10.93 -4.05 -17.05
N PHE A 301 -10.89 -4.36 -15.76
CA PHE A 301 -9.86 -5.22 -15.20
C PHE A 301 -10.23 -6.68 -15.42
N ASP A 302 -9.32 -7.59 -15.09
CA ASP A 302 -9.57 -9.02 -15.21
C ASP A 302 -10.74 -9.46 -14.32
N TRP A 303 -10.94 -8.74 -13.22
CA TRP A 303 -11.90 -9.14 -12.19
C TRP A 303 -13.26 -8.45 -12.31
N THR A 304 -13.38 -7.51 -13.25
CA THR A 304 -14.57 -6.65 -13.34
C THR A 304 -15.85 -7.37 -13.74
N GLY A 305 -15.95 -8.64 -13.41
CA GLY A 305 -17.17 -9.41 -13.60
C GLY A 305 -17.31 -10.38 -12.45
N LYS A 306 -16.18 -10.97 -12.08
CA LYS A 306 -16.13 -11.95 -11.00
C LYS A 306 -16.48 -11.31 -9.65
N THR A 307 -16.64 -12.17 -8.64
CA THR A 307 -17.09 -11.80 -7.29
C THR A 307 -16.62 -10.43 -6.81
#